data_2G93
#
_entry.id   2G93
#
_cell.length_a   63.411
_cell.length_b   50.439
_cell.length_c   65.956
_cell.angle_alpha   90.00
_cell.angle_beta   107.76
_cell.angle_gamma   90.00
#
_symmetry.space_group_name_H-M   'P 1 21 1'
#
loop_
_entity.id
_entity.type
_entity.pdbx_description
1 polymer Lactotransferrin
2 branched 2-acetamido-2-deoxy-beta-D-glucopyranose-(1-4)-2-acetamido-2-deoxy-beta-D-glucopyranose
3 branched beta-D-mannopyranose-(1-4)-[beta-D-mannopyranose-(1-6)]alpha-D-mannopyranose-(1-4)-2-acetamido-2-deoxy-beta-D-glucopyranose-(1-4)-2-acetamido-2-deoxy-beta-D-glucopyranose
4 branched alpha-D-mannopyranose-(1-4)-beta-D-mannopyranose-(1-4)-beta-D-mannopyranose-(1-4)-alpha-D-mannopyranose-(1-4)-2-acetamido-2-deoxy-beta-D-glucopyranose-(1-4)-2-acetamido-2-deoxy-beta-D-glucopyranose
5 non-polymer 'methyl alpha-D-mannopyranoside'
6 non-polymer 'FE (III) ION'
7 non-polymer 'CARBONATE ION'
8 non-polymer 'ZINC ION'
9 non-polymer 'SULFATE ION'
10 water water
#
_entity_poly.entity_id   1
_entity_poly.type   'polypeptide(L)'
_entity_poly.pdbx_seq_one_letter_code
;YTRVVWCAVGPEEQKKCQQWSQQSGQNVTCATASTTDDCIVLVLKGEADALNLDGGYIYTAGKCGLVPVLAENRKSSKHS
SLDCVLRPTEGYLAVAVVKKANEGLTWNSLKDKKSCHTAVDRTAGWNIPMGLIVNQTGSCAFDEFFSQSCAPGADPKSRL
CALCAGDDQGLDKCVPNSKEKYYGYTGAFRCLAEDVGDVAFVKNDTVWENTNGESTADWAKNLKREDFRLLCLDGTRKPV
TEAQSCHLAVAPNHAVVSRSDRAAHVEQVLLHQQALFGKNGKNCPDKFCLFKSETKNLLFNDNTECLAKLGGRPTYEEYL
GTEYVTAIANLKKCSTSPLLEACAF
;
_entity_poly.pdbx_strand_id   A
#
loop_
_chem_comp.id
_chem_comp.type
_chem_comp.name
_chem_comp.formula
BMA D-saccharide, beta linking beta-D-mannopyranose 'C6 H12 O6'
CO3 non-polymer 'CARBONATE ION' 'C O3 -2'
FE non-polymer 'FE (III) ION' 'Fe 3'
MAN D-saccharide, alpha linking alpha-D-mannopyranose 'C6 H12 O6'
MMA D-saccharide 'methyl alpha-D-mannopyranoside' 'C7 H14 O6'
NAG D-saccharide, beta linking 2-acetamido-2-deoxy-beta-D-glucopyranose 'C8 H15 N O6'
SO4 non-polymer 'SULFATE ION' 'O4 S -2'
ZN non-polymer 'ZINC ION' 'Zn 2'
#
# COMPACT_ATOMS: atom_id res chain seq x y z
N TYR A 1 -25.26 -3.72 -17.20
CA TYR A 1 -24.12 -3.56 -18.08
C TYR A 1 -23.74 -2.15 -18.37
N THR A 2 -23.04 -1.51 -17.43
CA THR A 2 -22.38 -0.31 -17.92
C THR A 2 -20.94 -0.47 -17.62
N ARG A 3 -20.19 0.46 -18.22
CA ARG A 3 -18.78 0.49 -18.00
C ARG A 3 -18.55 0.80 -16.54
N VAL A 4 -17.36 0.47 -16.12
CA VAL A 4 -16.87 0.84 -14.81
C VAL A 4 -15.76 1.85 -15.02
N VAL A 5 -15.79 2.96 -14.29
CA VAL A 5 -14.76 3.98 -14.44
C VAL A 5 -13.77 3.77 -13.30
N TRP A 6 -12.54 3.39 -13.64
CA TRP A 6 -11.50 3.19 -12.63
C TRP A 6 -10.80 4.50 -12.35
N CYS A 7 -10.35 4.71 -11.11
CA CYS A 7 -9.62 5.92 -10.79
C CYS A 7 -8.15 5.62 -10.62
N ALA A 8 -7.33 6.19 -11.50
CA ALA A 8 -5.88 6.00 -11.45
C ALA A 8 -5.22 7.16 -10.70
N VAL A 9 -4.23 6.84 -9.89
CA VAL A 9 -3.52 7.83 -9.09
C VAL A 9 -2.17 8.15 -9.73
N GLY A 10 -2.09 9.31 -10.39
CA GLY A 10 -0.86 9.73 -11.06
C GLY A 10 -0.75 9.24 -12.51
N PRO A 11 0.25 9.75 -13.23
CA PRO A 11 0.49 9.45 -14.65
C PRO A 11 0.85 8.01 -15.00
N GLU A 12 1.57 7.30 -14.14
CA GLU A 12 1.97 5.93 -14.43
C GLU A 12 0.77 5.00 -14.33
N GLU A 13 -0.03 5.18 -13.29
CA GLU A 13 -1.25 4.38 -13.16
C GLU A 13 -2.19 4.69 -14.32
N GLN A 14 -2.24 5.96 -14.74
CA GLN A 14 -3.11 6.35 -15.86
C GLN A 14 -2.77 5.59 -17.15
N LYS A 15 -1.47 5.46 -17.43
CA LYS A 15 -1.01 4.74 -18.60
C LYS A 15 -1.43 3.27 -18.55
N LYS A 16 -1.27 2.63 -17.40
CA LYS A 16 -1.67 1.24 -17.25
C LYS A 16 -3.19 1.08 -17.38
N CYS A 17 -3.92 2.01 -16.80
CA CYS A 17 -5.37 1.97 -16.88
C CYS A 17 -5.81 2.08 -18.35
N GLN A 18 -5.18 2.98 -19.10
CA GLN A 18 -5.50 3.16 -20.52
C GLN A 18 -5.31 1.88 -21.34
N GLN A 19 -4.24 1.13 -21.04
CA GLN A 19 -4.01 -0.15 -21.70
C GLN A 19 -5.12 -1.14 -21.34
N TRP A 20 -5.48 -1.18 -20.06
CA TRP A 20 -6.56 -2.04 -19.58
C TRP A 20 -7.87 -1.67 -20.28
N SER A 21 -8.13 -0.37 -20.42
CA SER A 21 -9.34 0.15 -21.06
C SER A 21 -9.42 -0.32 -22.52
N GLN A 22 -8.34 -0.12 -23.24
CA GLN A 22 -8.23 -0.55 -24.64
C GLN A 22 -8.49 -2.05 -24.80
N GLN A 23 -7.79 -2.87 -24.01
CA GLN A 23 -7.91 -4.33 -24.07
C GLN A 23 -9.28 -4.86 -23.65
N SER A 24 -9.96 -4.15 -22.76
CA SER A 24 -11.27 -4.56 -22.25
C SER A 24 -12.41 -4.14 -23.18
N GLY A 25 -12.07 -3.49 -24.28
CA GLY A 25 -13.06 -3.00 -25.24
C GLY A 25 -13.95 -1.91 -24.63
N GLN A 26 -13.37 -1.11 -23.75
CA GLN A 26 -14.07 0.01 -23.11
C GLN A 26 -15.07 -0.38 -22.01
N ASN A 27 -15.05 -1.64 -21.57
CA ASN A 27 -15.87 -2.00 -20.40
C ASN A 27 -15.37 -1.29 -19.17
N VAL A 28 -14.08 -1.01 -19.18
CA VAL A 28 -13.45 -0.22 -18.12
C VAL A 28 -12.89 1.02 -18.79
N THR A 29 -13.11 2.17 -18.18
CA THR A 29 -12.58 3.42 -18.69
C THR A 29 -11.84 4.06 -17.51
N CYS A 30 -11.12 5.15 -17.76
CA CYS A 30 -10.23 5.71 -16.74
C CYS A 30 -10.46 7.17 -16.39
N ALA A 31 -10.39 7.45 -15.10
CA ALA A 31 -10.39 8.79 -14.59
C ALA A 31 -9.04 8.88 -13.86
N THR A 32 -8.42 10.05 -13.85
CA THR A 32 -7.13 10.19 -13.17
C THR A 32 -7.13 11.34 -12.19
N ALA A 33 -6.43 11.16 -11.08
CA ALA A 33 -6.26 12.21 -10.08
C ALA A 33 -4.84 12.16 -9.55
N SER A 34 -4.41 13.24 -8.93
CA SER A 34 -3.04 13.36 -8.45
C SER A 34 -2.80 12.64 -7.13
N THR A 35 -3.86 12.39 -6.37
CA THR A 35 -3.70 11.70 -5.08
C THR A 35 -4.85 10.75 -4.84
N THR A 36 -4.63 9.81 -3.91
CA THR A 36 -5.67 8.87 -3.53
C THR A 36 -6.90 9.59 -2.96
N ASP A 37 -6.69 10.59 -2.11
CA ASP A 37 -7.81 11.37 -1.58
C ASP A 37 -8.65 12.01 -2.68
N ASP A 38 -8.01 12.54 -3.71
CA ASP A 38 -8.76 13.12 -4.82
C ASP A 38 -9.58 12.06 -5.57
N CYS A 39 -9.01 10.86 -5.71
CA CYS A 39 -9.74 9.75 -6.33
C CYS A 39 -10.98 9.38 -5.52
N ILE A 40 -10.84 9.39 -4.19
CA ILE A 40 -11.99 9.10 -3.31
C ILE A 40 -13.13 10.09 -3.55
N VAL A 41 -12.75 11.36 -3.68
CA VAL A 41 -13.71 12.42 -3.96
C VAL A 41 -14.40 12.21 -5.29
N LEU A 42 -13.66 11.82 -6.32
CA LEU A 42 -14.28 11.52 -7.62
C LEU A 42 -15.32 10.40 -7.50
N VAL A 43 -14.98 9.37 -6.71
CA VAL A 43 -15.92 8.27 -6.50
C VAL A 43 -17.19 8.76 -5.78
N LEU A 44 -17.02 9.57 -4.74
CA LEU A 44 -18.15 10.11 -3.99
C LEU A 44 -19.04 10.94 -4.91
N LYS A 45 -18.44 11.72 -5.81
CA LYS A 45 -19.21 12.55 -6.75
C LYS A 45 -19.90 11.71 -7.83
N GLY A 46 -19.45 10.48 -7.99
CA GLY A 46 -19.99 9.59 -8.99
C GLY A 46 -19.32 9.75 -10.35
N GLU A 47 -18.19 10.44 -10.37
CA GLU A 47 -17.44 10.63 -11.62
C GLU A 47 -16.46 9.50 -11.88
N ALA A 48 -16.21 8.69 -10.85
CA ALA A 48 -15.42 7.48 -10.99
C ALA A 48 -16.18 6.40 -10.20
N ASP A 49 -15.96 5.13 -10.51
CA ASP A 49 -16.66 4.06 -9.81
C ASP A 49 -15.87 3.40 -8.70
N ALA A 50 -14.58 3.18 -8.92
CA ALA A 50 -13.81 2.38 -7.97
C ALA A 50 -12.30 2.50 -8.11
N LEU A 51 -11.60 2.07 -7.06
CA LEU A 51 -10.15 1.95 -7.09
C LEU A 51 -9.75 1.02 -5.95
N ASN A 52 -8.51 0.55 -6.00
CA ASN A 52 -7.97 -0.37 -4.99
C ASN A 52 -7.19 0.44 -3.96
N LEU A 53 -7.47 0.22 -2.68
CA LEU A 53 -6.93 1.04 -1.60
C LEU A 53 -6.23 0.28 -0.49
N ASP A 54 -5.15 0.85 0.03
CA ASP A 54 -4.53 0.36 1.26
C ASP A 54 -5.52 0.56 2.42
N GLY A 55 -5.42 -0.26 3.48
CA GLY A 55 -6.32 -0.15 4.63
C GLY A 55 -6.48 1.23 5.25
N GLY A 56 -5.42 2.02 5.30
CA GLY A 56 -5.50 3.37 5.85
C GLY A 56 -6.49 4.24 5.08
N TYR A 57 -6.51 4.08 3.76
CA TYR A 57 -7.42 4.84 2.91
C TYR A 57 -8.84 4.26 2.96
N ILE A 58 -8.95 2.96 3.23
CA ILE A 58 -10.26 2.35 3.36
C ILE A 58 -10.95 2.98 4.57
N TYR A 59 -10.18 3.34 5.59
CA TYR A 59 -10.71 4.00 6.76
C TYR A 59 -11.28 5.37 6.37
N THR A 60 -10.51 6.15 5.63
CA THR A 60 -10.96 7.45 5.12
C THR A 60 -12.23 7.30 4.27
N ALA A 61 -12.18 6.36 3.34
CA ALA A 61 -13.28 6.14 2.39
C ALA A 61 -14.54 5.64 3.10
N GLY A 62 -14.35 4.81 4.11
CA GLY A 62 -15.43 4.21 4.88
C GLY A 62 -16.28 5.22 5.63
N LYS A 63 -15.61 6.19 6.26
CA LYS A 63 -16.28 7.27 6.97
C LYS A 63 -17.16 8.07 6.01
N CYS A 64 -16.82 8.05 4.73
CA CYS A 64 -17.59 8.77 3.70
C CYS A 64 -18.64 7.92 3.01
N GLY A 65 -18.82 6.69 3.49
CA GLY A 65 -19.84 5.80 2.93
C GLY A 65 -19.41 4.82 1.85
N LEU A 66 -18.14 4.81 1.47
CA LEU A 66 -17.67 3.83 0.49
C LEU A 66 -17.50 2.47 1.17
N VAL A 67 -17.64 1.39 0.40
CA VAL A 67 -17.60 0.03 0.94
C VAL A 67 -16.57 -0.86 0.24
N PRO A 68 -15.98 -1.80 0.98
CA PRO A 68 -15.06 -2.76 0.36
C PRO A 68 -15.88 -3.69 -0.54
N VAL A 69 -15.32 -4.04 -1.70
CA VAL A 69 -16.04 -4.89 -2.65
C VAL A 69 -15.34 -6.24 -2.87
N LEU A 70 -14.03 -6.20 -3.14
CA LEU A 70 -13.24 -7.41 -3.35
C LEU A 70 -11.87 -7.10 -2.77
N ALA A 71 -11.17 -8.12 -2.28
CA ALA A 71 -9.84 -7.89 -1.70
C ALA A 71 -8.72 -8.57 -2.48
N GLU A 72 -7.52 -7.96 -2.45
CA GLU A 72 -6.35 -8.62 -2.99
C GLU A 72 -6.08 -9.90 -2.19
N ASN A 73 -5.78 -10.95 -2.89
CA ASN A 73 -5.43 -12.22 -2.28
C ASN A 73 -4.11 -12.65 -2.91
N ARG A 74 -3.12 -12.95 -2.08
CA ARG A 74 -1.85 -13.45 -2.56
C ARG A 74 -1.66 -14.92 -2.18
N LYS A 75 -0.58 -15.51 -2.72
CA LYS A 75 -0.28 -16.93 -2.48
C LYS A 75 -0.34 -17.32 -1.00
N SER A 76 -0.94 -18.47 -0.71
CA SER A 76 -1.12 -18.92 0.67
C SER A 76 -0.82 -20.40 0.87
N SER A 77 -0.83 -20.82 2.13
CA SER A 77 -0.56 -22.21 2.47
C SER A 77 -1.82 -22.94 2.96
N LYS A 78 -2.46 -22.40 4.00
CA LYS A 78 -3.71 -22.96 4.53
C LYS A 78 -4.87 -22.79 3.54
N HIS A 79 -5.91 -23.61 3.70
CA HIS A 79 -7.09 -23.59 2.82
C HIS A 79 -6.67 -23.91 1.38
N SER A 80 -5.83 -24.92 1.24
CA SER A 80 -5.16 -25.28 -0.01
C SER A 80 -6.06 -25.63 -1.20
N SER A 81 -7.13 -26.38 -0.94
CA SER A 81 -8.00 -26.85 -2.02
C SER A 81 -8.92 -25.77 -2.58
N LEU A 82 -9.30 -24.80 -1.75
CA LEU A 82 -10.23 -23.75 -2.18
C LEU A 82 -9.66 -22.81 -3.24
N ASP A 83 -10.54 -22.38 -4.14
CA ASP A 83 -10.20 -21.47 -5.23
C ASP A 83 -9.76 -20.11 -4.65
N CYS A 84 -8.91 -19.39 -5.39
CA CYS A 84 -8.41 -18.09 -4.92
C CYS A 84 -9.52 -17.07 -4.64
N VAL A 85 -10.49 -16.98 -5.56
CA VAL A 85 -11.57 -16.02 -5.42
C VAL A 85 -12.46 -16.26 -4.20
N LEU A 86 -12.43 -17.47 -3.67
CA LEU A 86 -13.27 -17.82 -2.51
C LEU A 86 -12.49 -18.02 -1.22
N ARG A 87 -11.17 -17.97 -1.30
CA ARG A 87 -10.30 -18.21 -0.15
C ARG A 87 -10.20 -16.98 0.77
N PRO A 88 -10.23 -17.19 2.09
CA PRO A 88 -10.11 -16.07 3.02
C PRO A 88 -8.76 -15.39 2.85
N THR A 89 -8.71 -14.07 3.03
CA THR A 89 -7.45 -13.34 2.94
C THR A 89 -6.70 -13.50 4.25
N GLU A 90 -5.38 -13.42 4.19
CA GLU A 90 -4.56 -13.67 5.38
C GLU A 90 -4.01 -12.39 5.99
N GLY A 91 -3.84 -11.37 5.17
CA GLY A 91 -3.29 -10.11 5.66
C GLY A 91 -1.79 -10.11 5.48
N TYR A 92 -1.17 -8.94 5.47
CA TYR A 92 0.27 -8.88 5.33
C TYR A 92 0.96 -8.39 6.59
N LEU A 93 2.26 -8.63 6.69
CA LEU A 93 3.01 -8.24 7.88
C LEU A 93 3.71 -6.90 7.74
N ALA A 94 3.37 -5.95 8.59
CA ALA A 94 4.05 -4.67 8.59
C ALA A 94 5.39 -4.85 9.33
N VAL A 95 6.48 -4.43 8.72
CA VAL A 95 7.79 -4.57 9.35
C VAL A 95 8.60 -3.28 9.27
N ALA A 96 9.66 -3.22 10.07
CA ALA A 96 10.58 -2.10 10.05
C ALA A 96 11.91 -2.72 9.64
N VAL A 97 12.49 -2.19 8.57
CA VAL A 97 13.67 -2.77 7.95
C VAL A 97 14.86 -1.82 8.04
N VAL A 98 16.04 -2.39 8.32
CA VAL A 98 17.27 -1.60 8.36
C VAL A 98 18.39 -2.37 7.67
N LYS A 99 19.53 -1.70 7.45
CA LYS A 99 20.71 -2.35 6.91
C LYS A 99 21.45 -3.06 8.04
N LYS A 100 21.90 -4.29 7.78
CA LYS A 100 22.71 -5.06 8.74
C LYS A 100 23.91 -4.23 9.24
N ALA A 101 24.52 -3.50 8.31
CA ALA A 101 25.69 -2.66 8.56
C ALA A 101 25.44 -1.54 9.56
N ASN A 102 24.19 -1.09 9.65
CA ASN A 102 23.80 -0.08 10.63
C ASN A 102 23.62 -0.79 11.98
N GLU A 103 24.73 -1.15 12.60
CA GLU A 103 24.73 -1.96 13.83
C GLU A 103 24.28 -1.21 15.06
N GLY A 104 23.65 -1.91 15.98
CA GLY A 104 23.19 -1.26 17.19
C GLY A 104 21.96 -0.37 17.01
N LEU A 105 21.46 -0.26 15.78
CA LEU A 105 20.20 0.42 15.55
C LEU A 105 19.04 -0.55 15.84
N THR A 106 18.21 -0.25 16.84
CA THR A 106 17.07 -1.08 17.20
C THR A 106 15.81 -0.24 17.33
N TRP A 107 14.68 -0.90 17.57
CA TRP A 107 13.42 -0.18 17.80
C TRP A 107 13.60 0.91 18.84
N ASN A 108 14.39 0.63 19.88
CA ASN A 108 14.61 1.57 20.99
C ASN A 108 15.60 2.71 20.74
N SER A 109 16.25 2.71 19.56
CA SER A 109 17.19 3.80 19.30
C SER A 109 16.79 4.57 18.01
N LEU A 110 15.54 4.44 17.57
CA LEU A 110 15.09 5.09 16.35
C LEU A 110 14.99 6.61 16.43
N LYS A 111 14.84 7.14 17.64
CA LYS A 111 14.75 8.60 17.83
C LYS A 111 15.91 9.34 17.14
N ASP A 112 15.57 10.41 16.41
CA ASP A 112 16.52 11.25 15.68
C ASP A 112 17.18 10.62 14.44
N LYS A 113 16.77 9.41 14.05
CA LYS A 113 17.31 8.79 12.85
C LYS A 113 16.47 9.24 11.63
N LYS A 114 16.81 8.72 10.45
CA LYS A 114 16.15 9.06 9.20
C LYS A 114 15.20 7.95 8.77
N SER A 115 13.97 8.31 8.41
CA SER A 115 12.98 7.29 8.10
C SER A 115 12.42 7.35 6.68
N CYS A 116 11.97 6.20 6.17
CA CYS A 116 11.34 6.11 4.85
C CYS A 116 9.96 5.49 5.02
N HIS A 117 8.93 6.19 4.55
CA HIS A 117 7.53 5.76 4.72
C HIS A 117 6.87 5.65 3.35
N THR A 118 5.97 4.67 3.20
CA THR A 118 5.26 4.50 1.92
C THR A 118 4.53 5.80 1.60
N ALA A 119 3.66 6.20 2.50
CA ALA A 119 2.90 7.43 2.39
C ALA A 119 2.24 7.76 3.74
N VAL A 120 1.84 9.03 3.90
CA VAL A 120 1.13 9.37 5.11
C VAL A 120 -0.21 8.68 4.98
N ASP A 121 -0.82 8.27 6.10
CA ASP A 121 -2.14 7.63 6.10
C ASP A 121 -2.20 6.17 5.67
N ARG A 122 -1.07 5.60 5.24
CA ARG A 122 -1.06 4.20 4.82
C ARG A 122 -0.76 3.26 6.02
N THR A 123 -1.16 2.00 5.92
CA THR A 123 -1.05 1.06 7.05
C THR A 123 0.39 0.76 7.51
N ALA A 124 1.18 0.12 6.66
CA ALA A 124 2.55 -0.26 7.06
C ALA A 124 3.47 0.93 7.12
N GLY A 125 3.27 1.87 6.20
CA GLY A 125 4.19 2.98 6.10
C GLY A 125 3.99 4.06 7.12
N TRP A 126 2.80 4.12 7.72
CA TRP A 126 2.48 5.24 8.60
C TRP A 126 1.66 4.93 9.84
N ASN A 127 0.43 4.47 9.65
CA ASN A 127 -0.48 4.26 10.77
C ASN A 127 0.05 3.36 11.88
N ILE A 128 0.61 2.22 11.49
CA ILE A 128 1.13 1.26 12.47
C ILE A 128 2.37 1.81 13.18
N PRO A 129 3.44 2.13 12.45
CA PRO A 129 4.66 2.63 13.10
C PRO A 129 4.46 3.94 13.89
N MET A 130 3.75 4.92 13.32
CA MET A 130 3.55 6.18 14.04
C MET A 130 2.59 6.03 15.23
N GLY A 131 1.60 5.14 15.09
CA GLY A 131 0.69 4.84 16.18
C GLY A 131 1.45 4.27 17.37
N LEU A 132 2.37 3.34 17.10
CA LEU A 132 3.21 2.73 18.12
C LEU A 132 4.15 3.75 18.77
N ILE A 133 4.72 4.63 17.94
CA ILE A 133 5.62 5.67 18.41
C ILE A 133 4.91 6.70 19.29
N VAL A 134 3.74 7.17 18.86
CA VAL A 134 2.94 8.09 19.66
C VAL A 134 2.68 7.52 21.07
N ASN A 135 2.23 6.28 21.13
CA ASN A 135 1.98 5.58 22.39
C ASN A 135 3.20 5.57 23.29
N GLN A 136 4.26 4.95 22.78
CA GLN A 136 5.50 4.74 23.53
C GLN A 136 6.14 6.02 24.03
N THR A 137 5.89 7.14 23.34
CA THR A 137 6.45 8.41 23.77
C THR A 137 5.45 9.28 24.52
N GLY A 138 4.16 8.96 24.38
CA GLY A 138 3.10 9.74 24.99
C GLY A 138 3.11 11.17 24.50
N SER A 139 3.24 11.34 23.19
CA SER A 139 3.32 12.66 22.58
C SER A 139 2.77 12.62 21.15
N CYS A 140 2.09 13.69 20.76
CA CYS A 140 1.52 13.79 19.42
C CYS A 140 2.49 14.41 18.43
N ALA A 141 3.72 14.62 18.88
CA ALA A 141 4.74 15.23 18.04
C ALA A 141 5.55 14.18 17.27
N PHE A 142 4.86 13.39 16.47
CA PHE A 142 5.50 12.38 15.62
C PHE A 142 6.23 13.05 14.47
N ASP A 143 6.03 14.35 14.31
CA ASP A 143 6.69 15.13 13.28
C ASP A 143 8.06 15.56 13.77
N GLU A 144 8.30 15.19 15.03
CA GLU A 144 9.51 15.54 15.74
C GLU A 144 10.35 14.34 16.14
N PHE A 145 9.86 13.18 15.89
CA PHE A 145 10.59 11.98 16.30
C PHE A 145 11.84 11.71 15.45
N PHE A 146 11.67 11.58 14.14
CA PHE A 146 12.79 11.33 13.25
C PHE A 146 13.43 12.67 12.86
N SER A 147 14.74 12.69 12.63
CA SER A 147 15.40 13.94 12.23
C SER A 147 14.96 14.39 10.84
N GLN A 148 14.91 13.46 9.91
CA GLN A 148 14.43 13.70 8.53
C GLN A 148 13.72 12.45 8.05
N SER A 149 12.80 12.62 7.10
CA SER A 149 12.05 11.50 6.56
C SER A 149 11.61 11.79 5.14
N CYS A 150 11.15 10.74 4.46
CA CYS A 150 10.38 10.89 3.25
C CYS A 150 9.06 10.21 3.56
N ALA A 151 8.02 11.00 3.74
CA ALA A 151 6.67 10.51 4.01
C ALA A 151 5.75 11.22 3.02
N PRO A 152 5.64 10.67 1.82
CA PRO A 152 4.83 11.30 0.77
C PRO A 152 3.44 11.72 1.28
N GLY A 153 3.04 12.97 0.99
CA GLY A 153 1.76 13.48 1.44
C GLY A 153 1.86 14.50 2.58
N ALA A 154 3.04 14.60 3.18
CA ALA A 154 3.26 15.60 4.25
C ALA A 154 3.64 16.94 3.62
N ASP A 155 3.81 17.97 4.43
CA ASP A 155 4.16 19.30 3.93
C ASP A 155 5.57 19.28 3.29
N PRO A 156 5.67 19.56 2.00
CA PRO A 156 6.96 19.51 1.29
C PRO A 156 8.08 20.35 1.91
N LYS A 157 7.74 21.37 2.69
CA LYS A 157 8.77 22.17 3.34
C LYS A 157 9.11 21.70 4.75
N SER A 158 8.42 20.68 5.23
CA SER A 158 8.68 20.11 6.57
C SER A 158 9.75 19.03 6.55
N ARG A 159 10.27 18.69 7.73
CA ARG A 159 11.27 17.62 7.86
C ARG A 159 10.77 16.27 7.36
N LEU A 160 9.45 16.08 7.38
CA LEU A 160 8.84 14.83 6.93
C LEU A 160 8.97 14.61 5.42
N CYS A 161 9.34 15.65 4.68
CA CYS A 161 9.54 15.53 3.23
C CYS A 161 11.01 15.76 2.83
N ALA A 162 11.87 15.98 3.82
CA ALA A 162 13.27 16.35 3.52
C ALA A 162 14.04 15.35 2.68
N LEU A 163 13.72 14.06 2.85
CA LEU A 163 14.43 13.03 2.11
C LEU A 163 13.77 12.63 0.78
N CYS A 164 12.55 13.11 0.52
CA CYS A 164 11.86 12.77 -0.72
C CYS A 164 12.58 13.44 -1.89
N ALA A 165 12.53 12.79 -3.07
CA ALA A 165 13.31 13.26 -4.21
C ALA A 165 12.55 13.81 -5.42
N GLY A 166 11.23 13.62 -5.55
CA GLY A 166 10.55 14.00 -6.79
C GLY A 166 10.78 13.01 -7.95
N ASP A 167 10.47 13.53 -9.19
CA ASP A 167 10.56 12.87 -10.48
C ASP A 167 11.90 13.09 -11.15
N ASP A 168 12.10 12.43 -12.25
CA ASP A 168 13.37 12.57 -12.93
C ASP A 168 13.83 14.02 -12.93
N GLN A 169 12.94 15.01 -12.98
CA GLN A 169 13.32 16.41 -13.05
C GLN A 169 13.40 17.11 -11.70
N GLY A 170 13.15 16.37 -10.62
CA GLY A 170 13.12 16.99 -9.30
C GLY A 170 11.83 17.75 -9.02
N LEU A 171 10.79 17.51 -9.83
CA LEU A 171 9.49 18.12 -9.60
C LEU A 171 8.63 17.19 -8.74
N ASP A 172 7.54 17.71 -8.18
CA ASP A 172 6.58 16.90 -7.44
C ASP A 172 7.17 16.25 -6.21
N LYS A 173 8.13 16.91 -5.59
CA LYS A 173 8.75 16.40 -4.37
C LYS A 173 7.68 16.13 -3.30
N CYS A 174 7.69 14.90 -2.77
CA CYS A 174 6.81 14.46 -1.71
C CYS A 174 5.35 14.23 -2.12
N VAL A 175 5.04 14.28 -3.41
CA VAL A 175 3.66 13.99 -3.81
C VAL A 175 3.35 12.52 -3.52
N PRO A 176 2.15 12.24 -3.01
CA PRO A 176 1.77 10.83 -2.72
C PRO A 176 1.26 10.08 -3.96
N ASN A 177 2.11 9.95 -4.96
CA ASN A 177 1.83 9.13 -6.13
C ASN A 177 3.18 8.67 -6.70
N SER A 178 3.15 7.74 -7.65
CA SER A 178 4.38 7.10 -8.13
C SER A 178 5.39 8.01 -8.84
N LYS A 179 5.03 9.27 -9.09
CA LYS A 179 6.00 10.21 -9.66
C LYS A 179 7.12 10.50 -8.66
N GLU A 180 6.79 10.45 -7.37
CA GLU A 180 7.79 10.63 -6.31
C GLU A 180 8.65 9.35 -6.24
N LYS A 181 9.95 9.52 -6.37
CA LYS A 181 10.91 8.42 -6.41
C LYS A 181 10.75 7.44 -5.25
N TYR A 182 10.55 7.96 -4.04
CA TYR A 182 10.46 7.10 -2.85
C TYR A 182 9.04 6.84 -2.37
N TYR A 183 8.06 6.85 -3.28
CA TYR A 183 6.67 6.59 -2.89
C TYR A 183 6.31 5.10 -2.86
N GLY A 184 5.41 4.71 -1.95
CA GLY A 184 4.89 3.36 -1.90
C GLY A 184 5.83 2.33 -1.29
N TYR A 185 5.43 1.05 -1.33
CA TYR A 185 6.29 0.00 -0.78
C TYR A 185 7.70 -0.03 -1.41
N THR A 186 7.74 -0.05 -2.74
CA THR A 186 9.00 -0.16 -3.48
C THR A 186 9.86 1.09 -3.28
N GLY A 187 9.22 2.26 -3.31
CA GLY A 187 9.89 3.54 -3.10
C GLY A 187 10.53 3.68 -1.73
N ALA A 188 9.79 3.31 -0.68
CA ALA A 188 10.33 3.39 0.67
C ALA A 188 11.48 2.39 0.86
N PHE A 189 11.36 1.21 0.26
CA PHE A 189 12.46 0.25 0.34
C PHE A 189 13.70 0.75 -0.41
N ARG A 190 13.49 1.44 -1.54
CA ARG A 190 14.59 2.04 -2.28
C ARG A 190 15.29 3.14 -1.48
N CYS A 191 14.50 3.93 -0.76
CA CYS A 191 14.99 4.97 0.13
C CYS A 191 15.97 4.37 1.16
N LEU A 192 15.67 3.16 1.65
CA LEU A 192 16.56 2.46 2.57
C LEU A 192 17.74 1.87 1.80
N ALA A 193 17.45 1.18 0.70
CA ALA A 193 18.48 0.54 -0.12
C ALA A 193 19.60 1.51 -0.52
N GLU A 194 19.24 2.74 -0.88
CA GLU A 194 20.21 3.74 -1.32
C GLU A 194 20.80 4.50 -0.15
N ASP A 195 20.54 4.02 1.07
CA ASP A 195 21.02 4.68 2.29
C ASP A 195 20.62 6.13 2.46
N VAL A 196 19.45 6.50 1.93
CA VAL A 196 18.91 7.83 2.15
C VAL A 196 18.33 7.87 3.58
N GLY A 197 17.69 6.78 3.97
CA GLY A 197 17.13 6.70 5.32
C GLY A 197 17.79 5.58 6.08
N ASP A 198 17.56 5.54 7.40
CA ASP A 198 18.09 4.48 8.26
C ASP A 198 17.12 3.31 8.43
N VAL A 199 15.84 3.62 8.29
CA VAL A 199 14.80 2.62 8.49
C VAL A 199 13.68 2.81 7.48
N ALA A 200 13.14 1.70 6.98
CA ALA A 200 11.99 1.75 6.08
C ALA A 200 10.80 1.00 6.70
N PHE A 201 9.62 1.60 6.63
CA PHE A 201 8.40 0.96 7.15
C PHE A 201 7.63 0.46 5.95
N VAL A 202 7.72 -0.85 5.74
CA VAL A 202 7.11 -1.48 4.59
C VAL A 202 6.50 -2.79 5.05
N LYS A 203 6.19 -3.67 4.10
CA LYS A 203 5.67 -4.97 4.45
C LYS A 203 6.73 -6.03 4.16
N ASN A 204 6.56 -7.17 4.78
CA ASN A 204 7.52 -8.27 4.66
C ASN A 204 7.76 -8.66 3.19
N ASP A 205 6.71 -8.66 2.36
CA ASP A 205 6.85 -9.06 0.97
C ASP A 205 7.79 -8.19 0.16
N THR A 206 7.81 -6.90 0.49
CA THR A 206 8.62 -5.94 -0.23
C THR A 206 10.11 -6.30 -0.21
N VAL A 207 10.60 -6.73 0.95
CA VAL A 207 12.00 -7.11 1.08
C VAL A 207 12.35 -8.28 0.14
N TRP A 208 11.52 -9.32 0.15
CA TRP A 208 11.75 -10.49 -0.68
C TRP A 208 11.68 -10.22 -2.19
N GLU A 209 10.73 -9.39 -2.61
CA GLU A 209 10.51 -9.11 -4.03
C GLU A 209 11.52 -8.16 -4.67
N ASN A 210 12.33 -7.54 -3.82
CA ASN A 210 13.31 -6.60 -4.33
C ASN A 210 14.76 -6.97 -3.99
N THR A 211 14.98 -8.24 -3.69
CA THR A 211 16.33 -8.73 -3.33
C THR A 211 16.63 -10.06 -4.04
N ASN A 212 17.91 -10.45 -4.03
CA ASN A 212 18.33 -11.75 -4.57
C ASN A 212 17.88 -12.00 -6.01
N GLY A 213 17.99 -10.97 -6.85
CA GLY A 213 17.62 -11.09 -8.26
C GLY A 213 16.13 -11.10 -8.59
N GLU A 214 15.27 -11.02 -7.59
CA GLU A 214 13.82 -11.02 -7.82
C GLU A 214 13.37 -9.79 -8.60
N SER A 215 14.13 -8.71 -8.45
CA SER A 215 13.92 -7.50 -9.23
C SER A 215 15.18 -7.20 -10.03
N THR A 216 15.03 -6.89 -11.30
CA THR A 216 16.18 -6.55 -12.14
C THR A 216 16.35 -5.04 -12.28
N ALA A 217 15.60 -4.29 -11.48
CA ALA A 217 15.74 -2.84 -11.44
C ALA A 217 17.17 -2.49 -11.08
N ASP A 218 17.69 -1.46 -11.74
CA ASP A 218 19.06 -0.99 -11.56
C ASP A 218 19.48 -0.85 -10.09
N TRP A 219 18.61 -0.29 -9.27
CA TRP A 219 18.94 -0.06 -7.86
C TRP A 219 18.82 -1.32 -7.01
N ALA A 220 18.08 -2.31 -7.49
CA ALA A 220 17.77 -3.52 -6.72
C ALA A 220 18.54 -4.79 -7.11
N LYS A 221 19.10 -4.81 -8.31
CA LYS A 221 19.74 -6.03 -8.83
C LYS A 221 20.88 -6.62 -7.99
N ASN A 222 21.56 -5.77 -7.22
CA ASN A 222 22.67 -6.24 -6.38
C ASN A 222 22.33 -6.36 -4.90
N LEU A 223 21.05 -6.19 -4.57
CA LEU A 223 20.64 -6.25 -3.17
C LEU A 223 20.53 -7.69 -2.70
N LYS A 224 21.07 -7.95 -1.50
CA LYS A 224 21.04 -9.28 -0.91
C LYS A 224 20.23 -9.24 0.38
N ARG A 225 19.33 -10.22 0.53
CA ARG A 225 18.47 -10.36 1.69
C ARG A 225 19.24 -10.34 3.01
N GLU A 226 20.46 -10.88 2.99
CA GLU A 226 21.29 -11.01 4.19
C GLU A 226 21.83 -9.66 4.68
N ASP A 227 21.88 -8.68 3.80
CA ASP A 227 22.35 -7.35 4.20
C ASP A 227 21.27 -6.53 4.92
N PHE A 228 20.14 -7.17 5.20
CA PHE A 228 19.02 -6.49 5.85
C PHE A 228 18.59 -7.20 7.13
N ARG A 229 18.06 -6.43 8.07
CA ARG A 229 17.51 -6.95 9.33
C ARG A 229 16.17 -6.29 9.64
N LEU A 230 15.32 -7.01 10.35
CA LEU A 230 14.04 -6.50 10.80
C LEU A 230 14.17 -6.06 12.25
N LEU A 231 13.50 -4.96 12.59
CA LEU A 231 13.49 -4.47 13.97
C LEU A 231 12.26 -5.03 14.69
N CYS A 232 12.49 -5.73 15.81
CA CYS A 232 11.38 -6.30 16.56
C CYS A 232 11.01 -5.41 17.72
N LEU A 233 9.75 -5.52 18.15
CA LEU A 233 9.27 -4.65 19.22
C LEU A 233 9.97 -4.89 20.54
N ASP A 234 10.59 -6.06 20.70
CA ASP A 234 11.30 -6.38 21.94
C ASP A 234 12.74 -5.87 21.96
N GLY A 235 13.12 -5.08 20.97
CA GLY A 235 14.45 -4.50 20.92
C GLY A 235 15.51 -5.34 20.22
N THR A 236 15.13 -6.49 19.69
CA THR A 236 16.09 -7.33 18.96
C THR A 236 16.07 -7.06 17.46
N ARG A 237 17.06 -7.62 16.77
CA ARG A 237 17.15 -7.54 15.32
C ARG A 237 17.16 -8.97 14.81
N LYS A 238 16.40 -9.24 13.76
CA LYS A 238 16.33 -10.59 13.21
C LYS A 238 16.46 -10.60 11.70
N PRO A 239 16.88 -11.72 11.13
CA PRO A 239 16.90 -11.89 9.67
C PRO A 239 15.49 -11.78 9.11
N VAL A 240 15.40 -11.40 7.84
CA VAL A 240 14.12 -11.17 7.20
C VAL A 240 13.32 -12.47 7.05
N THR A 241 13.97 -13.60 7.35
CA THR A 241 13.28 -14.89 7.33
C THR A 241 12.39 -15.07 8.54
N GLU A 242 12.57 -14.21 9.55
CA GLU A 242 11.84 -14.34 10.81
C GLU A 242 10.70 -13.36 10.97
N ALA A 243 10.06 -12.97 9.86
CA ALA A 243 9.00 -11.97 9.95
C ALA A 243 7.79 -12.39 10.80
N GLN A 244 7.49 -13.69 10.86
CA GLN A 244 6.34 -14.16 11.63
C GLN A 244 6.53 -13.94 13.13
N SER A 245 7.78 -13.75 13.56
CA SER A 245 8.05 -13.49 14.98
C SER A 245 8.67 -12.12 15.22
N CYS A 246 8.73 -11.33 14.16
CA CYS A 246 9.36 -10.02 14.28
C CYS A 246 8.70 -9.00 13.35
N HIS A 247 7.42 -8.70 13.62
CA HIS A 247 6.68 -7.70 12.84
C HIS A 247 6.00 -6.73 13.78
N LEU A 248 5.55 -5.61 13.22
CA LEU A 248 4.89 -4.58 14.00
C LEU A 248 3.40 -4.85 14.15
N ALA A 249 2.81 -5.48 13.15
CA ALA A 249 1.38 -5.82 13.15
C ALA A 249 1.04 -6.58 11.89
N VAL A 250 -0.13 -7.21 11.88
CA VAL A 250 -0.64 -7.81 10.66
C VAL A 250 -1.70 -6.84 10.11
N ALA A 251 -1.57 -6.48 8.84
CA ALA A 251 -2.47 -5.51 8.21
C ALA A 251 -3.52 -6.17 7.30
N PRO A 252 -4.72 -5.59 7.21
CA PRO A 252 -5.69 -6.12 6.26
C PRO A 252 -5.27 -5.86 4.82
N ASN A 253 -5.53 -6.82 3.92
CA ASN A 253 -5.15 -6.65 2.53
C ASN A 253 -5.79 -5.41 1.89
N HIS A 254 -5.11 -4.85 0.88
CA HIS A 254 -5.65 -3.75 0.09
C HIS A 254 -6.91 -4.30 -0.56
N ALA A 255 -7.89 -3.43 -0.78
CA ALA A 255 -9.18 -3.86 -1.32
C ALA A 255 -9.78 -2.83 -2.24
N VAL A 256 -10.62 -3.30 -3.15
CA VAL A 256 -11.35 -2.43 -4.04
C VAL A 256 -12.56 -1.84 -3.29
N VAL A 257 -12.73 -0.52 -3.37
CA VAL A 257 -13.89 0.12 -2.80
C VAL A 257 -14.71 0.84 -3.86
N SER A 258 -15.99 1.04 -3.56
CA SER A 258 -16.87 1.80 -4.44
C SER A 258 -18.00 2.38 -3.60
N ARG A 259 -18.83 3.22 -4.20
CA ARG A 259 -20.03 3.68 -3.51
C ARG A 259 -20.89 2.47 -3.31
N SER A 260 -21.60 2.44 -2.18
CA SER A 260 -22.46 1.32 -1.86
C SER A 260 -23.47 1.03 -2.97
N ASP A 261 -24.04 2.08 -3.55
CA ASP A 261 -25.02 1.91 -4.62
C ASP A 261 -24.44 1.30 -5.90
N ARG A 262 -23.11 1.30 -6.02
CA ARG A 262 -22.46 0.77 -7.21
C ARG A 262 -21.73 -0.57 -6.99
N ALA A 263 -21.65 -0.99 -5.73
CA ALA A 263 -20.91 -2.20 -5.35
C ALA A 263 -21.18 -3.45 -6.19
N ALA A 264 -22.46 -3.79 -6.34
CA ALA A 264 -22.85 -4.98 -7.08
C ALA A 264 -22.37 -4.96 -8.52
N HIS A 265 -22.47 -3.80 -9.15
CA HIS A 265 -22.08 -3.64 -10.54
C HIS A 265 -20.55 -3.73 -10.69
N VAL A 266 -19.82 -3.08 -9.80
CA VAL A 266 -18.36 -3.11 -9.82
C VAL A 266 -17.85 -4.55 -9.63
N GLU A 267 -18.43 -5.27 -8.68
CA GLU A 267 -18.05 -6.65 -8.40
C GLU A 267 -18.17 -7.52 -9.64
N GLN A 268 -19.34 -7.44 -10.29
CA GLN A 268 -19.63 -8.21 -11.50
C GLN A 268 -18.58 -8.01 -12.60
N VAL A 269 -18.32 -6.75 -12.94
CA VAL A 269 -17.38 -6.41 -13.99
C VAL A 269 -15.97 -6.88 -13.66
N LEU A 270 -15.52 -6.65 -12.43
CA LEU A 270 -14.16 -7.02 -12.01
C LEU A 270 -13.89 -8.53 -12.04
N LEU A 271 -14.87 -9.32 -11.61
CA LEU A 271 -14.73 -10.78 -11.65
C LEU A 271 -14.53 -11.26 -13.09
N HIS A 272 -15.27 -10.68 -14.04
CA HIS A 272 -15.10 -11.01 -15.45
C HIS A 272 -13.75 -10.51 -15.97
N GLN A 273 -13.34 -9.31 -15.56
CA GLN A 273 -12.05 -8.76 -15.98
C GLN A 273 -10.86 -9.60 -15.54
N GLN A 274 -10.94 -10.18 -14.34
CA GLN A 274 -9.81 -10.99 -13.86
C GLN A 274 -9.77 -12.38 -14.49
N ALA A 275 -10.91 -12.86 -14.98
CA ALA A 275 -10.95 -14.12 -15.70
C ALA A 275 -10.24 -13.95 -17.05
N LEU A 276 -10.24 -12.73 -17.58
CA LEU A 276 -9.59 -12.39 -18.83
C LEU A 276 -8.12 -11.96 -18.67
N PHE A 277 -7.84 -11.16 -17.64
CA PHE A 277 -6.51 -10.57 -17.49
C PHE A 277 -5.77 -10.90 -16.18
N GLY A 278 -6.37 -11.73 -15.33
CA GLY A 278 -5.76 -12.11 -14.07
C GLY A 278 -4.70 -13.19 -14.16
N LYS A 279 -4.33 -13.73 -13.00
CA LYS A 279 -3.29 -14.77 -12.85
C LYS A 279 -3.19 -15.73 -14.03
N ASN A 280 -4.20 -16.54 -14.25
CA ASN A 280 -4.20 -17.49 -15.37
C ASN A 280 -5.31 -17.14 -16.35
N GLY A 281 -5.43 -15.86 -16.66
CA GLY A 281 -6.49 -15.37 -17.52
C GLY A 281 -6.32 -15.69 -18.98
N LYS A 282 -7.43 -15.67 -19.72
CA LYS A 282 -7.42 -15.97 -21.15
C LYS A 282 -6.39 -15.16 -21.90
N ASN A 283 -6.23 -13.90 -21.53
CA ASN A 283 -5.40 -12.97 -22.28
C ASN A 283 -4.11 -12.52 -21.58
N CYS A 284 -3.76 -13.19 -20.50
CA CYS A 284 -2.50 -12.91 -19.80
C CYS A 284 -1.70 -14.21 -19.75
N PRO A 285 -0.41 -14.18 -20.09
CA PRO A 285 0.36 -12.98 -20.45
C PRO A 285 0.33 -12.60 -21.92
N ASP A 286 -0.57 -13.23 -22.68
CA ASP A 286 -0.67 -13.00 -24.12
C ASP A 286 -0.81 -11.52 -24.52
N LYS A 287 -1.85 -10.87 -24.04
CA LYS A 287 -2.16 -9.49 -24.44
C LYS A 287 -1.94 -8.46 -23.32
N PHE A 288 -2.50 -8.74 -22.14
CA PHE A 288 -2.43 -7.80 -21.03
C PHE A 288 -2.62 -8.52 -19.69
N CYS A 289 -1.81 -8.16 -18.71
CA CYS A 289 -1.90 -8.72 -17.37
C CYS A 289 -2.25 -7.61 -16.39
N LEU A 290 -3.38 -7.76 -15.72
CA LEU A 290 -3.87 -6.78 -14.77
C LEU A 290 -2.98 -6.67 -13.54
N PHE A 291 -2.34 -7.77 -13.15
CA PHE A 291 -1.54 -7.77 -11.93
C PHE A 291 -0.03 -7.68 -12.15
N LYS A 292 0.38 -7.09 -13.27
CA LYS A 292 1.79 -6.85 -13.53
C LYS A 292 2.04 -5.41 -13.92
N SER A 293 3.22 -4.90 -13.54
CA SER A 293 3.67 -3.55 -13.84
C SER A 293 5.16 -3.39 -13.47
N GLU A 294 5.90 -4.49 -13.55
CA GLU A 294 7.33 -4.48 -13.26
C GLU A 294 7.69 -3.89 -11.88
N THR A 295 7.33 -4.63 -10.82
CA THR A 295 7.63 -4.26 -9.42
C THR A 295 7.12 -2.89 -8.97
N LYS A 296 6.31 -2.26 -9.81
CA LYS A 296 5.86 -0.91 -9.52
C LYS A 296 4.52 -0.84 -8.80
N ASN A 297 3.82 -1.97 -8.71
CA ASN A 297 2.56 -2.04 -7.97
C ASN A 297 1.55 -1.00 -8.44
N LEU A 298 1.33 -0.90 -9.75
CA LEU A 298 0.37 0.05 -10.32
C LEU A 298 -1.05 -0.50 -10.37
N LEU A 299 -1.98 0.22 -9.76
CA LEU A 299 -3.40 -0.16 -9.64
C LEU A 299 -3.62 -1.28 -8.63
N PHE A 300 -2.81 -2.32 -8.73
CA PHE A 300 -2.85 -3.47 -7.83
C PHE A 300 -1.43 -3.84 -7.46
N ASN A 301 -1.23 -4.53 -6.33
CA ASN A 301 0.09 -5.04 -6.00
C ASN A 301 0.47 -6.14 -6.99
N ASP A 302 1.74 -6.16 -7.40
CA ASP A 302 2.23 -7.14 -8.36
C ASP A 302 2.17 -8.58 -7.84
N ASN A 303 2.18 -8.77 -6.52
CA ASN A 303 2.09 -10.14 -6.01
C ASN A 303 0.65 -10.66 -5.83
N THR A 304 -0.32 -9.92 -6.37
CA THR A 304 -1.72 -10.31 -6.26
C THR A 304 -2.01 -11.54 -7.12
N GLU A 305 -2.54 -12.60 -6.50
CA GLU A 305 -2.93 -13.81 -7.23
C GLU A 305 -4.31 -13.61 -7.88
N CYS A 306 -5.23 -13.03 -7.11
CA CYS A 306 -6.59 -12.73 -7.61
C CYS A 306 -7.25 -11.72 -6.69
N LEU A 307 -8.41 -11.22 -7.11
CA LEU A 307 -9.28 -10.45 -6.24
C LEU A 307 -10.32 -11.41 -5.67
N ALA A 308 -10.46 -11.44 -4.34
CA ALA A 308 -11.34 -12.40 -3.68
C ALA A 308 -12.63 -11.79 -3.12
N LYS A 309 -13.70 -12.59 -3.14
CA LYS A 309 -14.97 -12.17 -2.56
C LYS A 309 -14.79 -12.13 -1.06
N LEU A 310 -15.54 -11.25 -0.41
CA LEU A 310 -15.35 -11.03 1.02
C LEU A 310 -16.10 -12.03 1.91
N GLY A 311 -17.43 -12.01 1.89
CA GLY A 311 -18.14 -13.01 2.70
C GLY A 311 -18.41 -12.49 4.09
N GLY A 312 -19.67 -12.57 4.49
CA GLY A 312 -20.11 -11.89 5.69
C GLY A 312 -20.44 -10.46 5.31
N ARG A 313 -20.40 -10.16 4.00
CA ARG A 313 -20.66 -8.82 3.48
C ARG A 313 -20.26 -7.74 4.48
N PRO A 314 -18.96 -7.66 4.78
CA PRO A 314 -18.51 -6.79 5.87
C PRO A 314 -18.61 -5.30 5.57
N THR A 315 -18.85 -4.54 6.63
CA THR A 315 -18.77 -3.09 6.54
C THR A 315 -17.27 -2.77 6.52
N TYR A 316 -16.92 -1.52 6.29
CA TYR A 316 -15.49 -1.17 6.26
C TYR A 316 -14.84 -1.43 7.62
N GLU A 317 -15.59 -1.26 8.70
CA GLU A 317 -15.09 -1.45 10.02
C GLU A 317 -14.76 -2.89 10.32
N GLU A 318 -15.58 -3.85 9.87
CA GLU A 318 -15.41 -5.28 10.07
C GLU A 318 -14.33 -5.84 9.15
N TYR A 319 -14.16 -5.16 8.04
CA TYR A 319 -13.15 -5.56 7.10
C TYR A 319 -11.78 -5.21 7.70
N LEU A 320 -11.65 -4.00 8.21
CA LEU A 320 -10.39 -3.54 8.80
C LEU A 320 -10.12 -4.22 10.13
N GLY A 321 -11.16 -4.56 10.88
CA GLY A 321 -11.04 -5.24 12.17
C GLY A 321 -11.02 -4.19 13.30
N THR A 322 -11.65 -4.47 14.49
CA THR A 322 -11.67 -3.49 15.62
C THR A 322 -10.24 -3.15 16.05
N GLU A 323 -9.34 -4.19 16.17
CA GLU A 323 -7.95 -3.93 16.60
C GLU A 323 -7.26 -2.81 15.70
N TYR A 324 -7.52 -2.77 14.38
CA TYR A 324 -6.89 -1.73 13.51
C TYR A 324 -7.65 -0.40 13.53
N VAL A 325 -8.98 -0.46 13.60
CA VAL A 325 -9.81 0.75 13.61
C VAL A 325 -9.54 1.61 14.84
N THR A 326 -9.33 0.96 15.99
CA THR A 326 -9.09 1.74 17.21
C THR A 326 -7.71 2.38 17.17
N ALA A 327 -6.76 1.66 16.60
CA ALA A 327 -5.41 2.19 16.39
C ALA A 327 -5.42 3.48 15.57
N ILE A 328 -6.11 3.47 14.43
CA ILE A 328 -6.22 4.67 13.59
C ILE A 328 -6.91 5.83 14.32
N ALA A 329 -8.05 5.54 14.95
CA ALA A 329 -8.80 6.56 15.67
C ALA A 329 -7.92 7.30 16.69
N ASN A 330 -7.20 6.55 17.51
CA ASN A 330 -6.28 7.13 18.49
C ASN A 330 -5.18 8.00 17.87
N LEU A 331 -4.57 7.52 16.79
CA LEU A 331 -3.53 8.28 16.11
C LEU A 331 -4.13 9.56 15.51
N LYS A 332 -5.35 9.45 14.99
CA LYS A 332 -6.04 10.59 14.38
C LYS A 332 -6.34 11.71 15.39
N LYS A 333 -6.38 11.37 16.67
CA LYS A 333 -6.59 12.37 17.73
C LYS A 333 -5.45 13.39 17.83
N CYS A 334 -4.31 13.06 17.22
CA CYS A 334 -3.12 13.90 17.29
C CYS A 334 -3.11 15.11 16.37
N SER A 335 -3.40 14.90 15.09
CA SER A 335 -3.35 15.99 14.11
C SER A 335 -4.65 16.13 13.35
N LEU A 340 -14.24 12.66 14.39
CA LEU A 340 -14.43 11.41 15.14
C LEU A 340 -15.53 10.55 14.50
N GLU A 341 -16.48 11.21 13.85
CA GLU A 341 -17.57 10.55 13.13
C GLU A 341 -18.17 11.45 12.05
N ALA A 342 -17.50 11.51 10.90
CA ALA A 342 -17.93 12.32 9.76
C ALA A 342 -16.97 12.17 8.59
N CYS A 343 -17.47 12.40 7.37
CA CYS A 343 -16.62 12.37 6.18
C CYS A 343 -15.72 13.61 6.15
N ALA A 344 -14.41 13.39 6.00
CA ALA A 344 -13.44 14.48 6.04
C ALA A 344 -13.39 15.34 4.78
N PHE A 345 -14.32 15.11 3.85
CA PHE A 345 -14.40 15.92 2.65
C PHE A 345 -15.68 16.76 2.66
C1 NAG B . -17.68 -6.70 -22.50
C2 NAG B . -16.91 -8.00 -22.44
C3 NAG B . -17.86 -9.09 -22.90
C4 NAG B . -19.26 -9.00 -22.27
C5 NAG B . -19.70 -7.61 -21.77
C6 NAG B . -20.60 -7.75 -20.54
C7 NAG B . -14.48 -7.69 -22.79
C8 NAG B . -13.37 -7.73 -23.80
N2 NAG B . -15.71 -7.91 -23.27
O3 NAG B . -17.30 -10.35 -22.60
O4 NAG B . -20.22 -9.48 -23.20
O5 NAG B . -18.62 -6.75 -21.47
O6 NAG B . -19.91 -8.35 -19.47
O7 NAG B . -14.23 -7.47 -21.60
C1 NAG B . -20.90 -10.61 -22.60
C2 NAG B . -22.42 -10.51 -22.73
C3 NAG B . -23.05 -11.62 -21.88
C4 NAG B . -22.41 -12.98 -22.16
C5 NAG B . -20.88 -12.92 -22.25
C6 NAG B . -20.26 -14.23 -22.75
C7 NAG B . -23.90 -8.56 -22.90
C8 NAG B . -25.10 -8.26 -22.05
N2 NAG B . -22.91 -9.22 -22.30
O3 NAG B . -24.43 -11.68 -22.11
O4 NAG B . -22.79 -13.88 -21.14
O5 NAG B . -20.47 -11.86 -23.10
O6 NAG B . -20.73 -14.52 -24.05
O7 NAG B . -23.86 -8.19 -24.07
C1 NAG C . -2.40 2.93 21.28
C2 NAG C . -2.75 1.63 20.58
C3 NAG C . -4.27 1.41 20.63
C4 NAG C . -4.81 1.64 22.05
C5 NAG C . -4.27 2.94 22.64
C6 NAG C . -4.71 3.18 24.09
C7 NAG C . -1.31 0.85 18.75
C8 NAG C . -0.85 1.06 17.33
N2 NAG C . -2.23 1.69 19.22
O3 NAG C . -4.56 0.11 20.19
O4 NAG C . -6.23 1.67 22.05
O5 NAG C . -2.87 2.88 22.61
O6 NAG C . -4.31 2.06 24.87
O7 NAG C . -0.84 -0.08 19.41
C1 NAG C . -6.74 0.54 22.80
C2 NAG C . -8.22 0.77 23.09
C3 NAG C . -8.88 -0.44 23.78
C4 NAG C . -8.40 -1.82 23.28
C5 NAG C . -6.91 -1.81 22.91
C6 NAG C . -6.51 -3.06 22.14
C7 NAG C . -8.83 3.12 23.43
C8 NAG C . -8.25 4.37 24.03
N2 NAG C . -8.38 1.96 23.91
O3 NAG C . -10.27 -0.35 23.63
O4 NAG C . -8.65 -2.75 24.33
O5 NAG C . -6.57 -0.69 22.13
O6 NAG C . -7.01 -3.01 20.82
O7 NAG C . -9.67 3.19 22.54
C1 MAN C . -9.36 -3.95 23.93
C2 MAN C . -10.73 -3.62 23.31
C3 MAN C . -11.88 -3.95 24.25
C4 MAN C . -11.86 -5.41 24.68
C5 MAN C . -10.44 -5.89 25.04
C6 MAN C . -9.96 -7.08 24.19
O2 MAN C . -10.86 -4.34 22.10
O3 MAN C . -13.10 -3.70 23.59
O4 MAN C . -12.71 -5.56 25.81
O5 MAN C . -9.48 -4.83 25.05
O6 MAN C . -10.56 -7.12 22.92
C1 BMA C . -13.41 -6.84 25.77
C2 BMA C . -13.88 -7.20 27.17
C3 BMA C . -14.58 -8.56 27.18
C4 BMA C . -15.61 -8.67 26.05
C5 BMA C . -15.07 -8.15 24.72
C6 BMA C . -16.17 -8.08 23.67
O2 BMA C . -14.76 -6.21 27.67
O3 BMA C . -15.22 -8.76 28.43
O4 BMA C . -15.97 -10.02 25.90
O5 BMA C . -14.50 -6.85 24.89
O6 BMA C . -16.11 -9.22 22.84
C1 BMA C . -11.42 -8.28 22.79
C2 BMA C . -12.63 -7.96 21.93
C3 BMA C . -12.74 -8.85 20.68
C4 BMA C . -12.56 -10.33 21.01
C5 BMA C . -11.60 -10.54 22.18
C6 BMA C . -10.77 -11.80 21.98
O2 BMA C . -12.63 -6.60 21.54
O3 BMA C . -11.79 -8.46 19.70
O4 BMA C . -13.82 -10.89 21.32
O5 BMA C . -10.74 -9.43 22.30
O6 BMA C . -10.30 -12.27 23.23
C1 NAG D . 7.24 -12.84 3.31
C2 NAG D . 6.58 -14.16 3.71
C3 NAG D . 7.10 -15.27 2.81
C4 NAG D . 7.03 -14.87 1.33
C5 NAG D . 7.62 -13.47 1.06
C6 NAG D . 7.35 -12.94 -0.35
C7 NAG D . 5.92 -14.57 6.05
C8 NAG D . 6.35 -15.07 7.41
N2 NAG D . 6.87 -14.44 5.12
O3 NAG D . 6.34 -16.42 3.07
O4 NAG D . 7.73 -15.82 0.56
O5 NAG D . 7.05 -12.53 1.95
O6 NAG D . 5.95 -12.88 -0.54
O7 NAG D . 4.73 -14.33 5.86
C1 NAG D . 6.91 -16.37 -0.50
C2 NAG D . 7.81 -16.87 -1.64
C3 NAG D . 7.09 -17.77 -2.66
C4 NAG D . 6.17 -18.76 -1.92
C5 NAG D . 5.24 -17.93 -1.04
C6 NAG D . 4.10 -18.76 -0.46
C7 NAG D . 9.73 -15.57 -2.49
C8 NAG D . 10.15 -14.67 -3.61
N2 NAG D . 8.41 -15.75 -2.33
O3 NAG D . 8.06 -18.45 -3.41
O4 NAG D . 5.42 -19.67 -2.74
O5 NAG D . 6.03 -17.36 -0.02
O6 NAG D . 4.47 -19.26 0.81
O7 NAG D . 10.57 -16.10 -1.78
C1 MAN D . 5.41 -19.38 -4.15
C2 MAN D . 4.03 -19.68 -4.74
C3 MAN D . 3.80 -21.17 -5.03
C4 MAN D . 5.02 -21.87 -5.65
C5 MAN D . 6.34 -21.45 -4.98
C6 MAN D . 7.55 -21.90 -5.81
O2 MAN D . 3.85 -18.91 -5.92
O3 MAN D . 2.71 -21.34 -5.91
O4 MAN D . 4.79 -23.28 -5.64
O5 MAN D . 6.42 -20.03 -4.89
O6 MAN D . 8.36 -22.79 -5.07
C1 BMA D . 5.27 -23.97 -4.46
C2 BMA D . 4.12 -24.49 -3.59
C3 BMA D . 4.66 -25.10 -2.30
C4 BMA D . 5.85 -26.05 -2.53
C5 BMA D . 6.80 -25.53 -3.62
C6 BMA D . 7.83 -26.59 -4.04
O2 BMA D . 3.36 -25.44 -4.31
O3 BMA D . 3.60 -25.75 -1.63
O4 BMA D . 6.59 -26.21 -1.33
O5 BMA D . 6.11 -25.07 -4.76
O6 BMA D . 7.19 -27.79 -4.46
C1 BMA D . 6.21 -27.39 -0.58
C2 BMA D . 6.80 -28.67 -1.17
C3 BMA D . 6.36 -29.90 -0.37
C4 BMA D . 6.53 -29.71 1.14
C5 BMA D . 6.04 -28.33 1.58
C6 BMA D . 6.37 -28.06 3.05
O2 BMA D . 8.21 -28.59 -1.20
O3 BMA D . 7.10 -31.03 -0.81
O4 BMA D . 5.79 -30.70 1.86
O5 BMA D . 6.61 -27.32 0.78
O6 BMA D . 5.32 -28.56 3.87
C1 MAN D . 6.63 -31.80 2.27
C2 MAN D . 5.76 -33.01 2.63
C3 MAN D . 5.23 -32.93 4.07
C4 MAN D . 6.34 -32.59 5.05
C5 MAN D . 7.08 -31.33 4.58
C6 MAN D . 8.23 -30.97 5.51
O2 MAN D . 6.48 -34.21 2.45
O3 MAN D . 4.63 -34.16 4.44
O4 MAN D . 5.79 -32.38 6.34
O5 MAN D . 7.59 -31.52 3.28
O6 MAN D . 8.82 -29.75 5.09
C1 MMA E . -11.34 -9.51 12.11
C2 MMA E . -12.54 -9.95 11.28
C3 MMA E . -13.71 -8.98 11.44
C4 MMA E . -13.96 -8.62 12.90
C5 MMA E . -12.66 -8.30 13.64
C6 MMA E . -12.90 -8.09 15.14
C7 MMA E . -8.94 -10.06 12.17
O1 MMA E . -10.30 -10.47 12.02
O2 MMA E . -12.94 -11.26 11.66
O3 MMA E . -14.86 -9.53 10.86
O4 MMA E . -14.82 -7.50 12.95
O5 MMA E . -11.73 -9.35 13.46
O6 MMA E . -12.37 -6.84 15.53
FE FE F . -0.61 -1.35 2.56
C CO3 G . 0.95 0.37 3.20
O1 CO3 G . 0.49 0.41 1.96
O2 CO3 G . 0.55 -0.53 4.03
O3 CO3 G . 1.83 1.21 3.61
ZN ZN H . -21.36 -7.74 9.39
ZN ZN I . 1.74 -10.73 15.35
S SO4 J . 22.83 -8.32 13.53
O1 SO4 J . 21.48 -7.86 13.84
O2 SO4 J . 23.57 -8.52 14.77
O3 SO4 J . 22.74 -9.58 12.79
O4 SO4 J . 23.52 -7.32 12.72
#